data_6FMY
#
_entry.id   6FMY
#
_cell.length_a   101.220
_cell.length_b   110.200
_cell.length_c   111.470
_cell.angle_alpha   90.00
_cell.angle_beta   90.00
_cell.angle_gamma   90.00
#
_symmetry.space_group_name_H-M   'C 2 2 21'
#
loop_
_entity.id
_entity.type
_entity.pdbx_description
1 polymer 'Di-or tripeptide:H+ symporter'
2 non-polymer (2S)-2,3-DIHYDROXYPROPYL(7Z)-PENTADEC-7-ENOATE
3 non-polymer 3,6,9,12,15,18,21,24-OCTAOXAHEXACOSAN-1-OL
4 non-polymer 'PHOSPHATE ION'
5 water water
#
_entity_poly.entity_id   1
_entity_poly.type   'polypeptide(L)'
_entity_poly.pdbx_seq_one_letter_code
;MEDKGKTFFGQPLGLSTLFMTEMWERFSYYGMRAILLYYMWFLISTGDLHITRATAASIMAIYASMVYLSGTIGGFVADR
IIGARPAVFWGGVLIMLGHIVLALPFGASALFGSIILIIIGTGFLKPNVSTLVGTLYDEHDRRRDAGFSIFVFGINLGAF
IAPLIVGAAQEAAGYHVAFSLAAIGMFIGLLVYYFGGKKTLDPHYLRPTDPLAPEEVKPLLVKVSLAVAGFIAIIVVMNL
VGWNSLPAYINLLTIVAIAIPVFYFAWMISSVKVTSTEHLRVVSYIPLFIAAVLFWAIEEQGSVVLATFAAERVDSSWFP
VSWFQSLNPLFIMLYTPFFAWLWTAWKKNQPSSPTKFAVGLMFAGLSFLLMAIPGALYGTSGKVSPLWLVGSWALVILGE
MLISPVGLSVTTKLAPKAFNSQMMSMWFLSSSVGSALNAQLVTLYNAKSEVAYFSYFGLGSVVLGIVLVFLSKRIQGLMQ
GVE
;
_entity_poly.pdbx_strand_id   A
#
loop_
_chem_comp.id
_chem_comp.type
_chem_comp.name
_chem_comp.formula
78M non-polymer (2S)-2,3-DIHYDROXYPROPYL(7Z)-PENTADEC-7-ENOATE 'C18 H34 O4'
PE5 non-polymer 3,6,9,12,15,18,21,24-OCTAOXAHEXACOSAN-1-OL 'C18 H38 O9'
PO4 non-polymer 'PHOSPHATE ION' 'O4 P -3'
#
# COMPACT_ATOMS: atom_id res chain seq x y z
N GLY A 5 5.81 -21.40 24.12
CA GLY A 5 5.09 -22.66 24.00
C GLY A 5 5.58 -23.55 22.88
N LYS A 6 6.91 -23.70 22.79
CA LYS A 6 7.60 -24.27 21.65
C LYS A 6 6.98 -23.73 20.35
N THR A 7 6.68 -24.54 19.34
CA THR A 7 6.35 -23.96 18.03
C THR A 7 5.18 -22.98 18.11
N PHE A 8 5.17 -22.02 17.17
CA PHE A 8 4.07 -21.09 16.95
C PHE A 8 3.37 -21.51 15.68
N PHE A 9 2.25 -22.23 15.81
CA PHE A 9 1.55 -22.84 14.68
C PHE A 9 2.48 -23.74 13.88
N GLY A 10 3.28 -24.53 14.58
CA GLY A 10 4.28 -25.38 13.96
C GLY A 10 5.55 -24.67 13.57
N GLN A 11 5.55 -23.34 13.53
CA GLN A 11 6.67 -22.54 13.08
C GLN A 11 7.58 -22.18 14.24
N PRO A 12 8.80 -21.72 13.98
CA PRO A 12 9.71 -21.35 15.07
C PRO A 12 9.12 -20.25 15.94
N LEU A 13 9.54 -20.25 17.21
CA LEU A 13 8.96 -19.37 18.20
C LEU A 13 9.04 -17.91 17.80
N GLY A 14 10.06 -17.53 17.03
CA GLY A 14 10.21 -16.14 16.69
C GLY A 14 9.24 -15.62 15.66
N LEU A 15 8.45 -16.50 15.05
CA LEU A 15 7.39 -16.01 14.18
C LEU A 15 6.39 -15.18 14.99
N SER A 16 6.15 -15.56 16.24
CA SER A 16 5.19 -14.84 17.08
C SER A 16 5.58 -13.38 17.24
N THR A 17 6.85 -13.11 17.57
CA THR A 17 7.29 -11.73 17.69
C THR A 17 7.08 -10.97 16.38
N LEU A 18 7.56 -11.55 15.27
CA LEU A 18 7.44 -10.88 13.97
C LEU A 18 6.00 -10.80 13.51
N PHE A 19 5.23 -11.88 13.71
CA PHE A 19 3.79 -11.85 13.46
C PHE A 19 3.13 -10.66 14.15
N MET A 20 3.45 -10.43 15.42
CA MET A 20 2.78 -9.37 16.14
C MET A 20 3.39 -8.01 15.86
N THR A 21 4.69 -7.95 15.60
CA THR A 21 5.32 -6.70 15.21
C THR A 21 4.58 -6.08 14.04
N GLU A 22 4.39 -6.86 12.97
CA GLU A 22 3.77 -6.33 11.76
C GLU A 22 2.26 -6.22 11.90
N MET A 23 1.63 -7.06 12.73
CA MET A 23 0.20 -6.89 12.98
C MET A 23 -0.10 -5.50 13.54
N TRP A 24 0.80 -5.00 14.39
CA TRP A 24 0.58 -3.69 15.01
C TRP A 24 1.07 -2.54 14.14
N GLU A 25 2.07 -2.77 13.30
CA GLU A 25 2.40 -1.78 12.27
C GLU A 25 1.23 -1.59 11.32
N ARG A 26 0.67 -2.69 10.82
CA ARG A 26 -0.48 -2.59 9.93
C ARG A 26 -1.69 -2.02 10.64
N PHE A 27 -1.83 -2.27 11.94
CA PHE A 27 -2.88 -1.63 12.71
C PHE A 27 -2.71 -0.11 12.68
N SER A 28 -1.49 0.37 12.95
CA SER A 28 -1.24 1.81 12.97
C SER A 28 -1.39 2.42 11.59
N TYR A 29 -0.84 1.76 10.56
CA TYR A 29 -0.89 2.29 9.21
C TYR A 29 -2.33 2.35 8.70
N TYR A 30 -3.04 1.22 8.73
CA TYR A 30 -4.36 1.17 8.12
C TYR A 30 -5.43 1.84 8.97
N GLY A 31 -5.23 1.91 10.28
CA GLY A 31 -6.16 2.66 11.11
C GLY A 31 -6.14 4.14 10.78
N MET A 32 -4.93 4.71 10.67
CA MET A 32 -4.79 6.07 10.15
C MET A 32 -5.34 6.15 8.74
N ARG A 33 -5.08 5.13 7.92
CA ARG A 33 -5.53 5.15 6.53
C ARG A 33 -7.04 5.24 6.41
N ALA A 34 -7.77 4.74 7.41
CA ALA A 34 -9.23 4.71 7.33
C ALA A 34 -9.89 6.03 7.67
N ILE A 35 -9.18 6.93 8.36
CA ILE A 35 -9.77 8.19 8.80
C ILE A 35 -9.01 9.40 8.30
N LEU A 36 -7.91 9.21 7.57
CA LEU A 36 -7.12 10.35 7.14
C LEU A 36 -7.86 11.18 6.09
N LEU A 37 -8.54 10.52 5.15
CA LEU A 37 -9.27 11.26 4.14
C LEU A 37 -10.39 12.09 4.75
N TYR A 38 -11.16 11.49 5.66
CA TYR A 38 -12.18 12.25 6.39
C TYR A 38 -11.56 13.33 7.24
N TYR A 39 -10.36 13.09 7.75
CA TYR A 39 -9.67 14.12 8.53
C TYR A 39 -9.40 15.35 7.67
N MET A 40 -8.91 15.14 6.44
CA MET A 40 -8.66 16.28 5.56
C MET A 40 -9.95 16.97 5.16
N TRP A 41 -10.98 16.20 4.84
CA TRP A 41 -12.30 16.78 4.60
C TRP A 41 -12.72 17.67 5.77
N PHE A 42 -12.52 17.17 6.99
CA PHE A 42 -12.86 17.94 8.17
C PHE A 42 -12.03 19.21 8.27
N LEU A 43 -10.71 19.09 8.03
CA LEU A 43 -9.84 20.27 8.04
C LEU A 43 -10.23 21.25 6.93
N ILE A 44 -10.61 20.73 5.76
CA ILE A 44 -11.16 21.58 4.72
C ILE A 44 -12.48 22.20 5.18
N SER A 45 -13.29 21.41 5.87
CA SER A 45 -14.65 21.86 6.23
C SER A 45 -14.62 23.04 7.18
N THR A 46 -13.64 23.10 8.08
CA THR A 46 -13.53 24.20 9.02
C THR A 46 -12.68 25.35 8.48
N GLY A 47 -12.25 25.27 7.23
CA GLY A 47 -11.41 26.29 6.63
C GLY A 47 -9.94 26.19 6.97
N ASP A 48 -9.53 25.17 7.73
CA ASP A 48 -8.14 25.08 8.15
C ASP A 48 -7.22 24.64 7.01
N LEU A 49 -7.69 23.71 6.19
CA LEU A 49 -6.92 23.17 5.06
C LEU A 49 -7.52 23.70 3.77
N HIS A 50 -6.75 24.51 3.03
CA HIS A 50 -7.27 25.16 1.82
C HIS A 50 -6.88 24.37 0.58
N ILE A 51 -7.51 23.21 0.43
CA ILE A 51 -7.42 22.40 -0.77
C ILE A 51 -8.81 21.89 -1.10
N THR A 52 -8.99 21.46 -2.35
CA THR A 52 -10.23 20.82 -2.75
C THR A 52 -10.27 19.38 -2.25
N ARG A 53 -11.49 18.83 -2.16
CA ARG A 53 -11.60 17.41 -1.85
C ARG A 53 -10.95 16.56 -2.93
N ALA A 54 -10.96 17.03 -4.18
CA ALA A 54 -10.23 16.35 -5.23
C ALA A 54 -8.75 16.29 -4.91
N THR A 55 -8.19 17.39 -4.41
CA THR A 55 -6.79 17.38 -4.00
C THR A 55 -6.58 16.53 -2.76
N ALA A 56 -7.55 16.55 -1.82
CA ALA A 56 -7.42 15.69 -0.65
C ALA A 56 -7.42 14.22 -1.05
N ALA A 57 -8.19 13.88 -2.09
CA ALA A 57 -8.17 12.51 -2.58
C ALA A 57 -6.86 12.18 -3.30
N SER A 58 -6.26 13.15 -3.99
CA SER A 58 -5.00 12.88 -4.67
C SER A 58 -3.85 12.72 -3.69
N ILE A 59 -3.94 13.35 -2.52
CA ILE A 59 -2.89 13.20 -1.52
C ILE A 59 -2.88 11.79 -0.96
N MET A 60 -4.06 11.21 -0.73
CA MET A 60 -4.15 9.82 -0.27
C MET A 60 -3.42 8.89 -1.22
N ALA A 61 -3.61 9.07 -2.53
CA ALA A 61 -3.01 8.18 -3.50
C ALA A 61 -1.49 8.34 -3.55
N ILE A 62 -1.01 9.58 -3.63
CA ILE A 62 0.42 9.81 -3.75
C ILE A 62 1.13 9.53 -2.43
N TYR A 63 0.42 9.68 -1.30
CA TYR A 63 0.95 9.24 -0.02
C TYR A 63 1.24 7.75 -0.05
N ALA A 64 0.26 6.95 -0.49
CA ALA A 64 0.48 5.51 -0.61
C ALA A 64 1.64 5.23 -1.56
N SER A 65 1.67 5.91 -2.71
CA SER A 65 2.69 5.64 -3.72
C SER A 65 4.10 5.82 -3.17
N MET A 66 4.32 6.87 -2.38
CA MET A 66 5.66 7.08 -1.82
C MET A 66 5.99 6.04 -0.76
N VAL A 67 4.99 5.53 -0.03
CA VAL A 67 5.22 4.52 0.99
C VAL A 67 5.75 3.23 0.35
N TYR A 68 5.12 2.80 -0.74
CA TYR A 68 5.62 1.62 -1.45
C TYR A 68 6.97 1.92 -2.11
N LEU A 69 7.12 3.11 -2.70
CA LEU A 69 8.41 3.51 -3.26
C LEU A 69 9.46 3.71 -2.18
N SER A 70 9.06 3.98 -0.94
CA SER A 70 10.04 4.00 0.12
C SER A 70 10.51 2.60 0.47
N GLY A 71 9.65 1.60 0.22
CA GLY A 71 9.93 0.22 0.53
C GLY A 71 10.88 -0.49 -0.40
N THR A 72 11.17 0.08 -1.57
CA THR A 72 12.16 -0.54 -2.44
C THR A 72 13.59 -0.29 -1.98
N ILE A 73 13.80 0.82 -1.25
CA ILE A 73 15.14 1.13 -0.76
C ILE A 73 15.41 0.54 0.62
N GLY A 74 14.38 0.30 1.42
CA GLY A 74 14.59 -0.09 2.80
C GLY A 74 15.43 -1.35 2.95
N GLY A 75 15.21 -2.34 2.09
CA GLY A 75 16.01 -3.54 2.15
C GLY A 75 17.48 -3.27 1.89
N PHE A 76 17.77 -2.41 0.90
CA PHE A 76 19.15 -2.03 0.63
C PHE A 76 19.81 -1.38 1.83
N VAL A 77 19.12 -0.41 2.45
CA VAL A 77 19.70 0.31 3.57
C VAL A 77 20.04 -0.65 4.70
N ALA A 78 19.16 -1.62 4.96
CA ALA A 78 19.41 -2.58 6.03
C ALA A 78 20.39 -3.68 5.64
N ASP A 79 20.50 -4.01 4.35
CA ASP A 79 21.44 -5.05 3.96
C ASP A 79 22.86 -4.54 3.86
N ARG A 80 23.05 -3.22 3.73
CA ARG A 80 24.37 -2.66 3.47
C ARG A 80 24.82 -1.57 4.43
N ILE A 81 23.92 -0.90 5.14
CA ILE A 81 24.34 0.26 5.94
C ILE A 81 24.07 0.03 7.41
N ILE A 82 22.80 -0.18 7.77
CA ILE A 82 22.41 -0.50 9.14
C ILE A 82 22.02 -1.98 9.14
N GLY A 83 21.54 -2.49 10.26
CA GLY A 83 21.12 -3.87 10.29
C GLY A 83 19.70 -4.05 9.80
N ALA A 84 19.31 -5.30 9.59
CA ALA A 84 17.92 -5.59 9.30
C ALA A 84 17.05 -5.35 10.53
N ARG A 85 17.52 -5.79 11.70
CA ARG A 85 16.77 -5.59 12.94
C ARG A 85 16.75 -4.12 13.36
N PRO A 86 17.85 -3.37 13.24
CA PRO A 86 17.75 -1.92 13.49
C PRO A 86 16.84 -1.18 12.52
N ALA A 87 16.75 -1.60 11.26
CA ALA A 87 15.87 -0.91 10.32
C ALA A 87 14.42 -1.04 10.73
N VAL A 88 14.02 -2.24 11.17
CA VAL A 88 12.65 -2.47 11.61
C VAL A 88 12.34 -1.64 12.85
N PHE A 89 13.24 -1.66 13.85
CA PHE A 89 13.03 -0.90 15.07
C PHE A 89 12.93 0.59 14.80
N TRP A 90 13.98 1.17 14.21
CA TRP A 90 14.00 2.61 13.99
C TRP A 90 12.95 3.03 12.96
N GLY A 91 12.60 2.14 12.03
CA GLY A 91 11.46 2.41 11.18
C GLY A 91 10.17 2.51 11.99
N GLY A 92 10.01 1.63 12.98
CA GLY A 92 8.83 1.69 13.83
C GLY A 92 8.77 2.96 14.64
N VAL A 93 9.93 3.43 15.13
CA VAL A 93 9.98 4.69 15.85
C VAL A 93 9.47 5.83 14.96
N LEU A 94 9.85 5.81 13.68
CA LEU A 94 9.40 6.87 12.78
C LEU A 94 7.92 6.76 12.47
N ILE A 95 7.39 5.54 12.33
CA ILE A 95 5.96 5.39 12.10
C ILE A 95 5.17 5.82 13.33
N MET A 96 5.67 5.48 14.52
CA MET A 96 5.01 5.93 15.75
C MET A 96 5.03 7.44 15.86
N LEU A 97 6.18 8.07 15.56
CA LEU A 97 6.28 9.52 15.63
C LEU A 97 5.36 10.17 14.60
N GLY A 98 5.23 9.57 13.43
CA GLY A 98 4.34 10.13 12.42
C GLY A 98 2.90 10.21 12.90
N HIS A 99 2.46 9.21 13.67
CA HIS A 99 1.08 9.21 14.16
C HIS A 99 0.93 10.11 15.39
N ILE A 100 1.96 10.17 16.23
CA ILE A 100 1.95 11.12 17.35
C ILE A 100 1.78 12.54 16.83
N VAL A 101 2.40 12.85 15.69
CA VAL A 101 2.31 14.20 15.12
C VAL A 101 0.85 14.58 14.86
N LEU A 102 0.06 13.64 14.34
CA LEU A 102 -1.35 13.93 14.07
C LEU A 102 -2.19 13.95 15.34
N ALA A 103 -1.77 13.25 16.39
CA ALA A 103 -2.53 13.26 17.63
C ALA A 103 -2.38 14.58 18.38
N LEU A 104 -1.26 15.29 18.15
CA LEU A 104 -1.04 16.57 18.78
C LEU A 104 -2.08 17.60 18.29
N PRO A 105 -2.31 18.67 19.06
CA PRO A 105 -3.32 19.67 18.66
C PRO A 105 -2.85 20.58 17.53
N PHE A 106 -2.68 19.99 16.36
CA PHE A 106 -2.39 20.74 15.15
C PHE A 106 -3.54 20.55 14.16
N GLY A 107 -3.33 21.06 12.96
CA GLY A 107 -4.25 20.85 11.86
C GLY A 107 -3.50 20.49 10.59
N ALA A 108 -3.59 21.35 9.57
CA ALA A 108 -2.94 21.05 8.30
C ALA A 108 -1.42 21.15 8.39
N SER A 109 -0.91 21.97 9.30
CA SER A 109 0.53 22.17 9.39
C SER A 109 1.27 20.87 9.70
N ALA A 110 0.68 20.03 10.56
CA ALA A 110 1.28 18.75 10.92
C ALA A 110 1.19 17.71 9.81
N LEU A 111 0.36 17.93 8.79
CA LEU A 111 0.06 16.88 7.82
C LEU A 111 1.32 16.44 7.06
N PHE A 112 2.13 17.40 6.61
CA PHE A 112 3.31 17.04 5.83
C PHE A 112 4.33 16.29 6.67
N GLY A 113 4.53 16.73 7.91
CA GLY A 113 5.50 16.06 8.78
C GLY A 113 5.09 14.63 9.10
N SER A 114 3.79 14.41 9.31
CA SER A 114 3.30 13.06 9.57
C SER A 114 3.47 12.17 8.34
N ILE A 115 3.16 12.69 7.16
CA ILE A 115 3.28 11.91 5.94
C ILE A 115 4.74 11.56 5.67
N ILE A 116 5.65 12.51 5.85
CA ILE A 116 7.05 12.25 5.55
C ILE A 116 7.66 11.28 6.56
N LEU A 117 7.24 11.36 7.83
CA LEU A 117 7.78 10.46 8.84
C LEU A 117 7.37 9.01 8.57
N ILE A 118 6.10 8.80 8.21
CA ILE A 118 5.61 7.45 7.97
C ILE A 118 6.17 6.89 6.66
N ILE A 119 6.32 7.73 5.64
CA ILE A 119 6.93 7.27 4.38
C ILE A 119 8.31 6.68 4.65
N ILE A 120 9.18 7.44 5.33
CA ILE A 120 10.53 6.98 5.62
C ILE A 120 10.49 5.76 6.53
N GLY A 121 9.74 5.85 7.64
CA GLY A 121 9.74 4.76 8.61
C GLY A 121 9.21 3.46 8.04
N THR A 122 8.11 3.51 7.31
CA THR A 122 7.59 2.30 6.68
C THR A 122 8.59 1.72 5.68
N GLY A 123 9.34 2.59 5.00
CA GLY A 123 10.35 2.12 4.07
C GLY A 123 11.44 1.31 4.76
N PHE A 124 11.85 1.75 5.96
CA PHE A 124 12.83 0.98 6.72
C PHE A 124 12.24 -0.32 7.27
N LEU A 125 11.01 -0.27 7.78
CA LEU A 125 10.47 -1.40 8.52
C LEU A 125 9.89 -2.47 7.58
N LYS A 126 9.06 -2.05 6.63
CA LYS A 126 8.20 -3.01 5.93
C LYS A 126 8.97 -4.06 5.14
N PRO A 127 9.97 -3.73 4.31
CA PRO A 127 10.70 -4.82 3.63
C PRO A 127 11.51 -5.68 4.59
N ASN A 128 12.06 -5.09 5.65
CA ASN A 128 12.99 -5.83 6.50
C ASN A 128 12.31 -6.67 7.57
N VAL A 129 11.03 -6.40 7.89
CA VAL A 129 10.32 -7.33 8.74
C VAL A 129 10.05 -8.63 7.99
N SER A 130 9.79 -8.55 6.68
CA SER A 130 9.66 -9.77 5.88
C SER A 130 11.00 -10.49 5.76
N THR A 131 12.09 -9.74 5.67
CA THR A 131 13.42 -10.33 5.65
C THR A 131 13.68 -11.14 6.92
N LEU A 132 13.32 -10.59 8.08
CA LEU A 132 13.59 -11.28 9.34
C LEU A 132 12.79 -12.58 9.46
N VAL A 133 11.63 -12.65 8.81
CA VAL A 133 10.87 -13.90 8.82
C VAL A 133 11.67 -15.00 8.15
N GLY A 134 12.34 -14.69 7.04
CA GLY A 134 13.15 -15.68 6.37
C GLY A 134 14.31 -16.17 7.23
N THR A 135 14.87 -15.29 8.06
CA THR A 135 15.98 -15.68 8.93
C THR A 135 15.58 -16.68 10.00
N LEU A 136 14.28 -16.91 10.21
CA LEU A 136 13.84 -17.94 11.15
C LEU A 136 14.07 -19.33 10.57
N TYR A 137 13.87 -19.49 9.27
CA TYR A 137 14.08 -20.75 8.56
C TYR A 137 15.46 -20.66 7.90
N ASP A 138 16.43 -21.34 8.51
CA ASP A 138 17.84 -21.14 8.13
C ASP A 138 18.06 -21.40 6.64
N GLU A 139 17.70 -22.60 6.16
CA GLU A 139 17.85 -22.86 4.74
C GLU A 139 17.11 -24.14 4.36
N HIS A 140 16.55 -24.11 3.14
CA HIS A 140 15.96 -25.29 2.51
C HIS A 140 14.91 -25.94 3.40
N ASP A 141 14.02 -25.11 3.95
CA ASP A 141 13.00 -25.55 4.88
C ASP A 141 11.65 -25.57 4.18
N ARG A 142 10.92 -26.69 4.32
CA ARG A 142 9.56 -26.74 3.81
C ARG A 142 8.64 -25.80 4.57
N ARG A 143 8.95 -25.52 5.85
CA ARG A 143 8.09 -24.68 6.68
C ARG A 143 8.00 -23.24 6.18
N ARG A 144 8.94 -22.82 5.32
CA ARG A 144 9.03 -21.41 4.92
C ARG A 144 7.70 -20.90 4.36
N ASP A 145 7.10 -21.65 3.44
CA ASP A 145 5.84 -21.20 2.84
C ASP A 145 4.74 -21.05 3.88
N ALA A 146 4.67 -21.99 4.82
CA ALA A 146 3.65 -21.90 5.86
C ALA A 146 3.89 -20.68 6.76
N GLY A 147 5.14 -20.48 7.19
CA GLY A 147 5.43 -19.39 8.10
C GLY A 147 5.15 -18.02 7.52
N PHE A 148 5.34 -17.86 6.20
CA PHE A 148 4.97 -16.60 5.57
C PHE A 148 3.45 -16.44 5.49
N SER A 149 2.70 -17.54 5.40
CA SER A 149 1.25 -17.45 5.45
C SER A 149 0.79 -16.99 6.83
N ILE A 150 1.41 -17.51 7.89
CA ILE A 150 1.12 -17.05 9.23
C ILE A 150 1.43 -15.56 9.35
N PHE A 151 2.62 -15.17 8.88
CA PHE A 151 3.04 -13.78 8.93
C PHE A 151 2.05 -12.87 8.21
N VAL A 152 1.66 -13.25 6.99
CA VAL A 152 0.67 -12.47 6.25
C VAL A 152 -0.67 -12.46 6.96
N PHE A 153 -1.01 -13.54 7.67
CA PHE A 153 -2.27 -13.55 8.39
C PHE A 153 -2.29 -12.50 9.48
N GLY A 154 -1.17 -12.32 10.18
CA GLY A 154 -1.06 -11.22 11.14
C GLY A 154 -1.07 -9.86 10.48
N ILE A 155 -0.63 -9.78 9.22
CA ILE A 155 -0.72 -8.54 8.46
C ILE A 155 -2.18 -8.17 8.23
N ASN A 156 -2.94 -9.11 7.66
CA ASN A 156 -4.34 -8.85 7.36
C ASN A 156 -5.15 -8.64 8.64
N LEU A 157 -4.81 -9.38 9.70
CA LEU A 157 -5.54 -9.25 10.96
C LEU A 157 -5.42 -7.84 11.52
N GLY A 158 -4.21 -7.27 11.50
CA GLY A 158 -4.04 -5.91 11.96
C GLY A 158 -4.72 -4.88 11.07
N ALA A 159 -4.74 -5.13 9.76
CA ALA A 159 -5.48 -4.26 8.85
C ALA A 159 -6.98 -4.38 9.05
N PHE A 160 -7.45 -5.50 9.59
CA PHE A 160 -8.88 -5.72 9.72
C PHE A 160 -9.45 -5.03 10.94
N ILE A 161 -8.78 -5.14 12.09
CA ILE A 161 -9.30 -4.56 13.31
C ILE A 161 -9.05 -3.05 13.42
N ALA A 162 -8.08 -2.52 12.66
CA ALA A 162 -7.70 -1.13 12.85
C ALA A 162 -8.80 -0.15 12.48
N PRO A 163 -9.46 -0.23 11.31
CA PRO A 163 -10.58 0.70 11.06
C PRO A 163 -11.72 0.53 12.05
N LEU A 164 -11.95 -0.69 12.55
CA LEU A 164 -12.97 -0.88 13.57
C LEU A 164 -12.64 -0.09 14.83
N ILE A 165 -11.48 -0.37 15.42
CA ILE A 165 -11.11 0.26 16.69
C ILE A 165 -10.83 1.74 16.50
N VAL A 166 -9.99 2.10 15.52
CA VAL A 166 -9.61 3.50 15.35
C VAL A 166 -10.80 4.31 14.84
N GLY A 167 -11.59 3.74 13.93
CA GLY A 167 -12.74 4.46 13.40
C GLY A 167 -13.80 4.72 14.46
N ALA A 168 -14.08 3.73 15.31
CA ALA A 168 -15.02 3.95 16.40
C ALA A 168 -14.48 4.96 17.40
N ALA A 169 -13.16 4.94 17.65
CA ALA A 169 -12.57 5.90 18.56
C ALA A 169 -12.66 7.32 18.00
N GLN A 170 -12.46 7.48 16.69
CA GLN A 170 -12.69 8.77 16.06
C GLN A 170 -14.14 9.21 16.24
N GLU A 171 -15.07 8.27 16.22
CA GLU A 171 -16.46 8.62 16.45
C GLU A 171 -16.70 9.00 17.91
N ALA A 172 -16.09 8.25 18.82
CA ALA A 172 -16.27 8.51 20.26
C ALA A 172 -15.58 9.80 20.67
N ALA A 173 -14.25 9.83 20.62
CA ALA A 173 -13.48 11.01 20.94
C ALA A 173 -13.03 11.69 19.65
N GLY A 174 -12.09 12.62 19.74
CA GLY A 174 -11.69 13.40 18.58
C GLY A 174 -11.00 12.58 17.49
N TYR A 175 -10.71 13.26 16.38
CA TYR A 175 -9.74 12.74 15.41
C TYR A 175 -8.38 12.55 16.08
N HIS A 176 -7.98 13.49 16.94
CA HIS A 176 -6.66 13.42 17.56
C HIS A 176 -6.54 12.23 18.49
N VAL A 177 -7.62 11.90 19.21
CA VAL A 177 -7.61 10.71 20.05
C VAL A 177 -7.49 9.45 19.20
N ALA A 178 -8.15 9.44 18.03
CA ALA A 178 -8.05 8.29 17.15
C ALA A 178 -6.63 8.12 16.61
N PHE A 179 -5.97 9.22 16.24
CA PHE A 179 -4.61 9.12 15.73
C PHE A 179 -3.63 8.67 16.81
N SER A 180 -3.89 9.04 18.08
CA SER A 180 -3.05 8.54 19.16
C SER A 180 -3.20 7.04 19.32
N LEU A 181 -4.38 6.49 19.06
CA LEU A 181 -4.56 5.05 19.11
C LEU A 181 -3.70 4.35 18.08
N ALA A 182 -3.60 4.92 16.87
CA ALA A 182 -2.70 4.37 15.88
C ALA A 182 -1.27 4.42 16.37
N ALA A 183 -0.87 5.54 16.98
CA ALA A 183 0.48 5.66 17.52
C ALA A 183 0.74 4.60 18.58
N ILE A 184 -0.27 4.29 19.39
CA ILE A 184 -0.12 3.32 20.48
C ILE A 184 0.06 1.92 19.91
N GLY A 185 -0.66 1.59 18.84
CA GLY A 185 -0.48 0.30 18.20
C GLY A 185 0.95 0.07 17.76
N MET A 186 1.54 1.07 17.10
CA MET A 186 2.94 0.97 16.71
C MET A 186 3.85 0.83 17.92
N PHE A 187 3.53 1.53 19.02
CA PHE A 187 4.27 1.39 20.26
C PHE A 187 4.19 -0.04 20.78
N ILE A 188 3.00 -0.63 20.79
CA ILE A 188 2.85 -2.02 21.20
C ILE A 188 3.72 -2.92 20.35
N GLY A 189 3.71 -2.70 19.02
CA GLY A 189 4.55 -3.50 18.14
C GLY A 189 6.01 -3.36 18.47
N LEU A 190 6.44 -2.16 18.87
CA LEU A 190 7.84 -1.94 19.21
C LEU A 190 8.22 -2.68 20.49
N LEU A 191 7.36 -2.62 21.52
CA LEU A 191 7.61 -3.36 22.75
C LEU A 191 7.79 -4.84 22.49
N VAL A 192 6.82 -5.43 21.79
CA VAL A 192 6.90 -6.86 21.49
C VAL A 192 8.10 -7.14 20.59
N TYR A 193 8.36 -6.26 19.62
CA TYR A 193 9.48 -6.48 18.71
C TYR A 193 10.81 -6.39 19.44
N TYR A 194 11.00 -5.34 20.23
CA TYR A 194 12.27 -5.18 20.94
C TYR A 194 12.52 -6.33 21.91
N PHE A 195 11.69 -6.45 22.94
CA PHE A 195 11.93 -7.45 23.97
C PHE A 195 11.78 -8.86 23.42
N GLY A 196 10.88 -9.07 22.47
CA GLY A 196 10.74 -10.40 21.87
C GLY A 196 11.87 -10.75 20.92
N GLY A 197 12.41 -9.75 20.22
CA GLY A 197 13.51 -10.02 19.30
C GLY A 197 14.79 -10.40 20.03
N LYS A 198 15.11 -9.70 21.12
CA LYS A 198 16.29 -10.05 21.92
C LYS A 198 16.30 -11.53 22.27
N LYS A 199 15.13 -12.08 22.61
CA LYS A 199 15.08 -13.47 23.05
C LYS A 199 15.23 -14.44 21.88
N THR A 200 14.60 -14.13 20.75
CA THR A 200 14.57 -15.06 19.63
C THR A 200 15.59 -14.75 18.54
N LEU A 201 15.59 -13.53 18.03
CA LEU A 201 16.20 -13.25 16.74
C LEU A 201 17.71 -13.47 16.76
N ASP A 202 18.25 -13.72 15.57
CA ASP A 202 19.68 -13.92 15.43
C ASP A 202 20.42 -12.60 15.60
N PRO A 203 21.44 -12.53 16.46
CA PRO A 203 22.20 -11.28 16.58
C PRO A 203 22.99 -10.93 15.33
N HIS A 204 23.04 -11.82 14.34
CA HIS A 204 23.71 -11.51 13.09
C HIS A 204 23.06 -10.32 12.37
N TYR A 205 21.75 -10.16 12.54
CA TYR A 205 21.00 -9.12 11.85
C TYR A 205 20.86 -7.84 12.67
N LEU A 206 21.60 -7.74 13.77
CA LEU A 206 21.85 -6.44 14.40
C LEU A 206 22.81 -5.59 13.60
N ARG A 207 23.38 -6.15 12.53
CA ARG A 207 24.45 -5.56 11.74
C ARG A 207 24.17 -5.89 10.28
N PRO A 208 24.55 -5.01 9.35
CA PRO A 208 24.40 -5.34 7.92
C PRO A 208 25.08 -6.66 7.56
N THR A 209 24.39 -7.44 6.73
CA THR A 209 24.90 -8.73 6.26
C THR A 209 25.86 -8.60 5.08
N ASP A 210 25.64 -7.60 4.22
CA ASP A 210 26.53 -7.29 3.10
C ASP A 210 27.04 -5.87 3.28
N PRO A 211 27.95 -5.63 4.22
CA PRO A 211 28.37 -4.26 4.51
C PRO A 211 29.08 -3.62 3.33
N LEU A 212 29.01 -2.30 3.27
CA LEU A 212 29.74 -1.58 2.24
C LEU A 212 31.24 -1.85 2.37
N ALA A 213 31.88 -2.10 1.24
CA ALA A 213 33.33 -2.21 1.20
C ALA A 213 33.95 -0.81 1.16
N PRO A 214 35.23 -0.69 1.52
CA PRO A 214 35.83 0.67 1.57
C PRO A 214 35.67 1.47 0.30
N GLU A 215 35.79 0.82 -0.86
CA GLU A 215 35.72 1.54 -2.13
C GLU A 215 34.30 1.86 -2.56
N GLU A 216 33.28 1.25 -1.95
CA GLU A 216 31.92 1.45 -2.39
C GLU A 216 31.24 2.65 -1.75
N VAL A 217 31.83 3.23 -0.71
CA VAL A 217 31.15 4.30 0.02
C VAL A 217 31.04 5.56 -0.85
N LYS A 218 32.15 5.96 -1.47
CA LYS A 218 32.14 7.19 -2.27
C LYS A 218 31.19 7.12 -3.46
N PRO A 219 31.20 6.08 -4.30
CA PRO A 219 30.21 6.04 -5.39
C PRO A 219 28.78 6.10 -4.91
N LEU A 220 28.45 5.39 -3.83
CA LEU A 220 27.10 5.47 -3.29
C LEU A 220 26.77 6.88 -2.82
N LEU A 221 27.74 7.55 -2.21
CA LEU A 221 27.55 8.94 -1.80
C LEU A 221 27.28 9.83 -3.01
N VAL A 222 28.09 9.69 -4.06
CA VAL A 222 27.89 10.47 -5.26
C VAL A 222 26.51 10.20 -5.85
N LYS A 223 26.13 8.92 -5.90
CA LYS A 223 24.86 8.52 -6.49
C LYS A 223 23.68 9.16 -5.77
N VAL A 224 23.63 9.02 -4.45
CA VAL A 224 22.54 9.60 -3.67
C VAL A 224 22.57 11.11 -3.74
N SER A 225 23.76 11.71 -3.81
CA SER A 225 23.86 13.18 -3.83
C SER A 225 23.44 13.74 -5.18
N LEU A 226 23.80 13.06 -6.27
CA LEU A 226 23.35 13.50 -7.59
C LEU A 226 21.84 13.40 -7.72
N ALA A 227 21.23 12.40 -7.08
CA ALA A 227 19.78 12.26 -7.16
C ALA A 227 19.08 13.38 -6.41
N VAL A 228 19.59 13.76 -5.24
CA VAL A 228 18.95 14.80 -4.45
C VAL A 228 19.13 16.16 -5.11
N ALA A 229 20.34 16.43 -5.63
CA ALA A 229 20.60 17.73 -6.24
C ALA A 229 19.69 17.96 -7.45
N GLY A 230 19.63 16.98 -8.35
CA GLY A 230 18.74 17.09 -9.50
C GLY A 230 17.29 17.20 -9.09
N PHE A 231 16.87 16.43 -8.07
CA PHE A 231 15.51 16.54 -7.57
C PHE A 231 15.26 17.90 -6.94
N ILE A 232 16.26 18.42 -6.22
CA ILE A 232 16.15 19.78 -5.69
C ILE A 232 16.21 20.80 -6.82
N ALA A 233 17.01 20.53 -7.86
CA ALA A 233 17.09 21.44 -9.00
C ALA A 233 15.75 21.52 -9.72
N ILE A 234 15.07 20.38 -9.89
CA ILE A 234 13.75 20.38 -10.51
C ILE A 234 12.80 21.26 -9.71
N ILE A 235 12.82 21.13 -8.39
CA ILE A 235 11.84 21.80 -7.54
C ILE A 235 12.01 23.31 -7.61
N VAL A 236 13.25 23.80 -7.73
CA VAL A 236 13.43 25.25 -7.80
C VAL A 236 13.01 25.78 -9.17
N VAL A 237 13.22 24.98 -10.23
CA VAL A 237 12.78 25.41 -11.56
C VAL A 237 11.26 25.49 -11.60
N MET A 238 10.57 24.53 -10.97
CA MET A 238 9.12 24.61 -10.87
C MET A 238 8.67 25.96 -10.33
N ASN A 239 9.17 26.31 -9.14
CA ASN A 239 8.73 27.54 -8.50
C ASN A 239 9.12 28.78 -9.31
N LEU A 240 10.23 28.71 -10.04
CA LEU A 240 10.60 29.81 -10.93
C LEU A 240 9.53 30.03 -12.00
N VAL A 241 9.13 28.94 -12.67
CA VAL A 241 8.13 29.02 -13.74
C VAL A 241 6.72 29.13 -13.21
N GLY A 242 6.54 29.12 -11.89
CA GLY A 242 5.22 29.31 -11.31
C GLY A 242 4.41 28.04 -11.11
N TRP A 243 5.06 26.87 -11.12
CA TRP A 243 4.41 25.59 -10.90
C TRP A 243 4.53 25.14 -9.44
N ASN A 244 4.29 26.05 -8.50
CA ASN A 244 4.54 25.80 -7.10
C ASN A 244 3.27 25.41 -6.33
N SER A 245 2.23 24.99 -7.03
CA SER A 245 1.00 24.58 -6.35
C SER A 245 1.13 23.16 -5.84
N LEU A 246 0.35 22.84 -4.80
CA LEU A 246 0.34 21.48 -4.29
C LEU A 246 -0.03 20.45 -5.35
N PRO A 247 -1.05 20.66 -6.18
CA PRO A 247 -1.30 19.68 -7.27
C PRO A 247 -0.12 19.53 -8.22
N ALA A 248 0.74 20.53 -8.33
CA ALA A 248 1.90 20.41 -9.21
C ALA A 248 2.99 19.56 -8.58
N TYR A 249 3.19 19.67 -7.26
CA TYR A 249 4.15 18.81 -6.59
C TYR A 249 3.74 17.35 -6.66
N ILE A 250 2.44 17.08 -6.53
CA ILE A 250 1.94 15.71 -6.68
C ILE A 250 2.26 15.18 -8.07
N ASN A 251 2.16 16.05 -9.09
CA ASN A 251 2.50 15.63 -10.43
C ASN A 251 3.98 15.29 -10.56
N LEU A 252 4.85 16.06 -9.88
CA LEU A 252 6.27 15.74 -9.86
C LEU A 252 6.50 14.32 -9.35
N LEU A 253 5.90 13.98 -8.20
CA LEU A 253 6.06 12.63 -7.66
C LEU A 253 5.43 11.59 -8.58
N THR A 254 4.29 11.92 -9.19
CA THR A 254 3.68 11.03 -10.17
C THR A 254 4.67 10.71 -11.29
N ILE A 255 5.24 11.75 -11.90
CA ILE A 255 6.23 11.57 -12.97
C ILE A 255 7.42 10.79 -12.44
N VAL A 256 7.91 11.16 -11.26
CA VAL A 256 9.05 10.45 -10.66
C VAL A 256 8.69 8.99 -10.43
N ALA A 257 7.48 8.71 -9.94
CA ALA A 257 7.10 7.35 -9.61
C ALA A 257 6.92 6.48 -10.84
N ILE A 258 6.44 7.05 -11.94
CA ILE A 258 6.24 6.26 -13.16
C ILE A 258 7.54 6.19 -13.96
N ALA A 259 8.38 7.22 -13.90
CA ALA A 259 9.61 7.21 -14.70
C ALA A 259 10.59 6.16 -14.20
N ILE A 260 10.61 5.89 -12.87
CA ILE A 260 11.52 4.88 -12.35
C ILE A 260 11.33 3.53 -13.01
N PRO A 261 10.13 2.95 -13.09
CA PRO A 261 9.99 1.69 -13.82
C PRO A 261 10.34 1.84 -15.30
N VAL A 262 9.73 2.82 -15.99
CA VAL A 262 9.98 3.04 -17.40
C VAL A 262 11.48 3.05 -17.69
N PHE A 263 12.26 3.73 -16.84
CA PHE A 263 13.70 3.80 -17.06
C PHE A 263 14.38 2.45 -16.84
N TYR A 264 13.96 1.72 -15.80
CA TYR A 264 14.46 0.35 -15.63
C TYR A 264 14.09 -0.53 -16.82
N PHE A 265 12.85 -0.42 -17.30
CA PHE A 265 12.44 -1.22 -18.46
C PHE A 265 13.25 -0.86 -19.69
N ALA A 266 13.28 0.42 -20.05
CA ALA A 266 14.10 0.85 -21.18
C ALA A 266 15.57 0.50 -20.97
N TRP A 267 16.02 0.46 -19.72
CA TRP A 267 17.38 0.06 -19.40
C TRP A 267 17.64 -1.39 -19.82
N MET A 268 16.84 -2.32 -19.32
CA MET A 268 17.04 -3.74 -19.59
C MET A 268 16.81 -4.11 -21.05
N ILE A 269 16.13 -3.25 -21.82
CA ILE A 269 16.02 -3.45 -23.26
C ILE A 269 17.22 -2.79 -23.92
N SER A 270 18.33 -2.72 -23.19
CA SER A 270 19.59 -2.18 -23.71
C SER A 270 20.78 -2.61 -22.88
N THR A 277 19.76 -11.01 -26.24
CA THR A 277 20.16 -12.17 -25.47
C THR A 277 18.93 -12.89 -24.94
N GLU A 278 18.04 -13.28 -25.86
CA GLU A 278 16.67 -13.66 -25.52
C GLU A 278 16.01 -12.55 -24.70
N HIS A 279 16.17 -11.32 -25.20
CA HIS A 279 15.64 -10.14 -24.54
C HIS A 279 14.14 -10.21 -24.35
N LEU A 280 13.43 -10.91 -25.24
CA LEU A 280 11.97 -10.88 -25.22
C LEU A 280 11.36 -11.46 -23.95
N ARG A 281 12.15 -12.12 -23.10
CA ARG A 281 11.65 -12.48 -21.77
C ARG A 281 11.30 -11.22 -20.99
N VAL A 282 12.16 -10.20 -21.09
CA VAL A 282 11.86 -8.90 -20.49
C VAL A 282 10.61 -8.29 -21.12
N VAL A 283 10.65 -8.15 -22.44
CA VAL A 283 9.56 -7.60 -23.24
C VAL A 283 8.23 -8.24 -22.84
N SER A 284 8.27 -9.53 -22.50
CA SER A 284 7.07 -10.22 -22.02
C SER A 284 6.48 -9.56 -20.77
N TYR A 285 7.33 -9.00 -19.92
CA TYR A 285 6.90 -8.47 -18.64
C TYR A 285 6.14 -7.15 -18.77
N ILE A 286 6.28 -6.43 -19.88
CA ILE A 286 5.59 -5.15 -20.02
C ILE A 286 4.08 -5.31 -19.86
N PRO A 287 3.40 -6.20 -20.59
CA PRO A 287 1.96 -6.37 -20.30
C PRO A 287 1.70 -6.85 -18.89
N LEU A 288 2.54 -7.74 -18.36
CA LEU A 288 2.36 -8.21 -16.99
C LEU A 288 2.53 -7.07 -15.99
N PHE A 289 3.49 -6.18 -16.22
CA PHE A 289 3.68 -5.04 -15.32
C PHE A 289 2.53 -4.05 -15.44
N ILE A 290 2.16 -3.70 -16.68
CA ILE A 290 1.04 -2.77 -16.88
C ILE A 290 -0.23 -3.33 -16.24
N ALA A 291 -0.42 -4.65 -16.32
CA ALA A 291 -1.58 -5.26 -15.69
C ALA A 291 -1.54 -5.10 -14.19
N ALA A 292 -0.36 -5.25 -13.59
CA ALA A 292 -0.24 -5.11 -12.14
C ALA A 292 -0.49 -3.66 -11.71
N VAL A 293 -0.02 -2.70 -12.50
CA VAL A 293 -0.20 -1.29 -12.15
C VAL A 293 -1.69 -0.93 -12.15
N LEU A 294 -2.43 -1.37 -13.16
CA LEU A 294 -3.84 -1.00 -13.22
C LEU A 294 -4.65 -1.70 -12.14
N PHE A 295 -4.28 -2.93 -11.79
CA PHE A 295 -4.98 -3.62 -10.71
C PHE A 295 -4.77 -2.89 -9.39
N TRP A 296 -3.50 -2.63 -9.04
CA TRP A 296 -3.21 -1.92 -7.81
C TRP A 296 -3.85 -0.54 -7.79
N ALA A 297 -3.97 0.11 -8.95
CA ALA A 297 -4.67 1.38 -9.01
C ALA A 297 -6.09 1.24 -8.50
N ILE A 298 -6.82 0.25 -9.01
CA ILE A 298 -8.21 0.04 -8.59
C ILE A 298 -8.26 -0.37 -7.12
N GLU A 299 -7.39 -1.30 -6.72
CA GLU A 299 -7.42 -1.81 -5.36
C GLU A 299 -7.03 -0.73 -4.35
N GLU A 300 -6.12 0.16 -4.72
CA GLU A 300 -5.72 1.24 -3.81
C GLU A 300 -6.68 2.42 -3.84
N GLN A 301 -7.63 2.45 -4.77
CA GLN A 301 -8.66 3.47 -4.76
C GLN A 301 -9.76 3.20 -3.74
N GLY A 302 -9.77 2.01 -3.14
CA GLY A 302 -10.74 1.75 -2.08
C GLY A 302 -10.52 2.63 -0.87
N SER A 303 -9.27 2.98 -0.59
CA SER A 303 -8.97 3.92 0.48
C SER A 303 -9.38 5.35 0.12
N VAL A 304 -9.60 5.62 -1.16
CA VAL A 304 -9.82 6.97 -1.65
C VAL A 304 -11.24 7.08 -2.22
N VAL A 305 -11.43 6.58 -3.43
CA VAL A 305 -12.72 6.74 -4.12
C VAL A 305 -13.82 5.98 -3.39
N LEU A 306 -13.56 4.72 -3.01
CA LEU A 306 -14.60 3.97 -2.32
C LEU A 306 -14.85 4.52 -0.92
N ALA A 307 -13.83 5.10 -0.28
CA ALA A 307 -14.04 5.75 1.00
C ALA A 307 -14.92 6.98 0.86
N THR A 308 -14.73 7.76 -0.21
CA THR A 308 -15.61 8.90 -0.47
C THR A 308 -17.04 8.45 -0.69
N PHE A 309 -17.21 7.40 -1.50
CA PHE A 309 -18.56 6.88 -1.77
C PHE A 309 -19.24 6.46 -0.47
N ALA A 310 -18.53 5.75 0.41
CA ALA A 310 -19.13 5.31 1.65
C ALA A 310 -19.62 6.48 2.49
N ALA A 311 -18.87 7.58 2.54
CA ALA A 311 -19.23 8.72 3.36
C ALA A 311 -20.33 9.55 2.73
N GLU A 312 -20.26 9.79 1.43
CA GLU A 312 -21.20 10.70 0.77
C GLU A 312 -22.46 10.01 0.28
N ARG A 313 -22.43 8.70 0.06
CA ARG A 313 -23.37 8.06 -0.83
C ARG A 313 -24.00 6.79 -0.26
N VAL A 314 -23.55 6.31 0.90
CA VAL A 314 -24.11 5.14 1.55
C VAL A 314 -24.84 5.60 2.81
N ASP A 315 -26.06 5.13 3.00
CA ASP A 315 -26.82 5.44 4.21
C ASP A 315 -26.27 4.55 5.34
N SER A 316 -25.12 4.97 5.86
CA SER A 316 -24.43 4.32 6.98
C SER A 316 -24.45 5.31 8.14
N SER A 317 -25.61 5.43 8.77
CA SER A 317 -25.77 6.32 9.91
C SER A 317 -25.77 5.59 11.25
N TRP A 318 -25.76 4.27 11.25
CA TRP A 318 -25.71 3.48 12.47
C TRP A 318 -24.33 2.94 12.79
N PHE A 319 -23.30 3.26 12.00
CA PHE A 319 -21.96 2.78 12.26
C PHE A 319 -20.95 3.69 11.57
N PRO A 320 -19.71 3.74 12.05
CA PRO A 320 -18.70 4.61 11.43
C PRO A 320 -18.39 4.19 10.00
N VAL A 321 -18.31 5.20 9.13
CA VAL A 321 -18.10 4.97 7.70
C VAL A 321 -16.72 4.38 7.44
N SER A 322 -15.74 4.68 8.27
CA SER A 322 -14.39 4.16 8.06
C SER A 322 -14.32 2.65 8.17
N TRP A 323 -15.35 2.02 8.76
CA TRP A 323 -15.34 0.56 8.93
C TRP A 323 -15.34 -0.18 7.60
N PHE A 324 -15.74 0.47 6.50
CA PHE A 324 -15.70 -0.18 5.20
C PHE A 324 -14.28 -0.56 4.79
N GLN A 325 -13.27 0.10 5.34
CA GLN A 325 -11.88 -0.26 5.04
C GLN A 325 -11.53 -1.64 5.57
N SER A 326 -12.29 -2.17 6.52
CA SER A 326 -12.02 -3.51 7.03
C SER A 326 -12.41 -4.60 6.04
N LEU A 327 -13.19 -4.27 5.02
CA LEU A 327 -13.64 -5.29 4.06
C LEU A 327 -12.48 -5.80 3.21
N ASN A 328 -11.50 -4.94 2.92
CA ASN A 328 -10.35 -5.37 2.12
C ASN A 328 -9.58 -6.50 2.82
N PRO A 329 -9.11 -6.34 4.06
CA PRO A 329 -8.41 -7.47 4.69
C PRO A 329 -9.34 -8.61 5.09
N LEU A 330 -10.60 -8.32 5.42
CA LEU A 330 -11.55 -9.39 5.74
C LEU A 330 -11.69 -10.36 4.57
N PHE A 331 -11.91 -9.83 3.37
CA PHE A 331 -12.04 -10.72 2.21
C PHE A 331 -10.74 -11.42 1.89
N ILE A 332 -9.60 -10.78 2.15
CA ILE A 332 -8.32 -11.49 2.00
C ILE A 332 -8.26 -12.68 2.92
N MET A 333 -8.68 -12.51 4.18
CA MET A 333 -8.61 -13.60 5.14
C MET A 333 -9.62 -14.70 4.84
N LEU A 334 -10.80 -14.36 4.31
CA LEU A 334 -11.76 -15.38 3.96
C LEU A 334 -11.35 -16.12 2.69
N TYR A 335 -10.85 -15.38 1.69
CA TYR A 335 -10.43 -16.00 0.44
C TYR A 335 -9.14 -16.80 0.61
N THR A 336 -8.26 -16.41 1.53
CA THR A 336 -6.89 -16.93 1.51
C THR A 336 -6.78 -18.43 1.83
N PRO A 337 -7.57 -19.03 2.74
CA PRO A 337 -7.43 -20.49 2.91
C PRO A 337 -7.98 -21.24 1.71
N PHE A 338 -9.03 -20.70 1.07
CA PHE A 338 -9.61 -21.31 -0.11
C PHE A 338 -8.58 -21.46 -1.23
N PHE A 339 -7.99 -20.33 -1.66
CA PHE A 339 -7.07 -20.34 -2.79
C PHE A 339 -5.82 -21.17 -2.52
N ALA A 340 -5.46 -21.37 -1.24
CA ALA A 340 -4.39 -22.32 -0.93
C ALA A 340 -4.82 -23.73 -1.29
N TRP A 341 -6.01 -24.14 -0.82
CA TRP A 341 -6.60 -25.41 -1.22
C TRP A 341 -6.75 -25.49 -2.73
N LEU A 342 -7.27 -24.43 -3.35
CA LEU A 342 -7.61 -24.47 -4.77
C LEU A 342 -6.39 -24.80 -5.62
N TRP A 343 -5.25 -24.18 -5.33
CA TRP A 343 -4.10 -24.31 -6.21
C TRP A 343 -3.25 -25.55 -5.96
N THR A 344 -3.46 -26.23 -4.84
CA THR A 344 -2.87 -27.56 -4.66
C THR A 344 -3.63 -28.64 -5.41
N ALA A 345 -4.81 -28.32 -5.95
CA ALA A 345 -5.60 -29.27 -6.72
C ALA A 345 -5.59 -28.94 -8.21
N GLN A 350 -4.51 -26.07 -13.73
CA GLN A 350 -4.04 -24.83 -13.14
C GLN A 350 -3.50 -23.90 -14.22
N PRO A 351 -3.99 -22.67 -14.24
CA PRO A 351 -3.68 -21.76 -15.33
C PRO A 351 -2.33 -21.06 -15.18
N SER A 352 -1.92 -20.43 -16.27
CA SER A 352 -0.63 -19.78 -16.39
C SER A 352 -0.57 -18.51 -15.56
N SER A 353 0.65 -17.99 -15.43
CA SER A 353 0.84 -16.71 -14.76
C SER A 353 0.26 -15.55 -15.54
N PRO A 354 0.51 -15.40 -16.86
CA PRO A 354 -0.15 -14.28 -17.57
C PRO A 354 -1.67 -14.34 -17.52
N THR A 355 -2.25 -15.49 -17.83
CA THR A 355 -3.71 -15.60 -17.81
C THR A 355 -4.27 -15.37 -16.41
N LYS A 356 -3.47 -15.62 -15.36
CA LYS A 356 -3.90 -15.26 -14.02
C LYS A 356 -3.96 -13.74 -13.85
N PHE A 357 -3.01 -13.03 -14.44
CA PHE A 357 -2.99 -11.57 -14.34
C PHE A 357 -4.21 -10.95 -15.03
N ALA A 358 -4.52 -11.42 -16.23
CA ALA A 358 -5.65 -10.87 -16.99
C ALA A 358 -6.95 -11.02 -16.21
N VAL A 359 -7.21 -12.23 -15.69
CA VAL A 359 -8.43 -12.47 -14.92
C VAL A 359 -8.45 -11.58 -13.69
N GLY A 360 -7.30 -11.37 -13.06
CA GLY A 360 -7.23 -10.48 -11.92
C GLY A 360 -7.63 -9.06 -12.28
N LEU A 361 -7.19 -8.57 -13.43
CA LEU A 361 -7.60 -7.24 -13.87
C LEU A 361 -9.07 -7.23 -14.29
N MET A 362 -9.57 -8.36 -14.80
CA MET A 362 -10.99 -8.46 -15.15
C MET A 362 -11.87 -8.32 -13.93
N PHE A 363 -11.56 -9.09 -12.87
CA PHE A 363 -12.30 -8.98 -11.62
C PHE A 363 -12.19 -7.58 -11.03
N ALA A 364 -10.96 -7.03 -11.01
CA ALA A 364 -10.78 -5.66 -10.56
C ALA A 364 -11.66 -4.70 -11.35
N GLY A 365 -11.72 -4.88 -12.67
CA GLY A 365 -12.61 -4.07 -13.48
C GLY A 365 -14.07 -4.36 -13.22
N LEU A 366 -14.41 -5.61 -12.91
CA LEU A 366 -15.78 -5.95 -12.55
C LEU A 366 -16.22 -5.25 -11.27
N SER A 367 -15.27 -5.02 -10.35
CA SER A 367 -15.62 -4.34 -9.10
C SER A 367 -16.01 -2.89 -9.34
N PHE A 368 -15.38 -2.23 -10.32
CA PHE A 368 -15.76 -0.85 -10.64
C PHE A 368 -17.01 -0.80 -11.52
N LEU A 369 -17.22 -1.80 -12.37
CA LEU A 369 -18.45 -1.86 -13.15
C LEU A 369 -19.66 -2.04 -12.24
N LEU A 370 -19.52 -2.88 -11.21
CA LEU A 370 -20.61 -3.08 -10.27
C LEU A 370 -21.03 -1.76 -9.62
N MET A 371 -20.05 -0.92 -9.28
CA MET A 371 -20.34 0.33 -8.59
C MET A 371 -21.03 1.36 -9.49
N ALA A 372 -20.97 1.18 -10.81
CA ALA A 372 -21.66 2.10 -11.69
C ALA A 372 -23.17 1.87 -11.70
N ILE A 373 -23.61 0.68 -11.29
CA ILE A 373 -25.01 0.27 -11.37
C ILE A 373 -25.91 1.11 -10.45
N PRO A 374 -25.61 1.30 -9.17
CA PRO A 374 -26.57 2.02 -8.30
C PRO A 374 -26.88 3.44 -8.75
N GLY A 375 -25.87 4.20 -9.20
CA GLY A 375 -26.13 5.53 -9.68
C GLY A 375 -26.94 5.55 -10.97
N ALA A 376 -26.64 4.61 -11.88
CA ALA A 376 -27.41 4.51 -13.11
C ALA A 376 -28.86 4.16 -12.84
N LEU A 377 -29.10 3.28 -11.86
CA LEU A 377 -30.46 2.81 -11.62
C LEU A 377 -31.23 3.77 -10.74
N TYR A 378 -30.65 4.15 -9.60
CA TYR A 378 -31.37 4.91 -8.57
C TYR A 378 -31.12 6.41 -8.64
N GLY A 379 -30.13 6.86 -9.39
CA GLY A 379 -29.69 8.24 -9.33
C GLY A 379 -28.53 8.43 -8.38
N THR A 380 -27.99 9.64 -8.39
CA THR A 380 -26.79 9.97 -7.64
C THR A 380 -27.06 10.86 -6.41
N SER A 381 -28.25 11.42 -6.29
CA SER A 381 -28.54 12.35 -5.20
C SER A 381 -29.02 11.65 -3.94
N GLY A 382 -29.07 10.31 -3.92
CA GLY A 382 -29.54 9.58 -2.78
C GLY A 382 -28.45 8.76 -2.14
N LYS A 383 -28.89 7.76 -1.36
CA LYS A 383 -27.99 6.85 -0.66
C LYS A 383 -28.39 5.43 -0.97
N VAL A 384 -27.40 4.55 -1.13
CA VAL A 384 -27.64 3.17 -1.55
C VAL A 384 -27.27 2.21 -0.42
N SER A 385 -27.53 0.93 -0.63
CA SER A 385 -27.20 -0.07 0.37
C SER A 385 -25.69 -0.15 0.57
N PRO A 386 -25.22 -0.33 1.80
CA PRO A 386 -23.80 -0.65 2.00
C PRO A 386 -23.36 -1.95 1.36
N LEU A 387 -24.30 -2.78 0.91
CA LEU A 387 -23.95 -4.06 0.30
C LEU A 387 -23.27 -3.88 -1.05
N TRP A 388 -23.54 -2.76 -1.74
CA TRP A 388 -22.84 -2.46 -2.99
C TRP A 388 -21.34 -2.42 -2.77
N LEU A 389 -20.89 -1.68 -1.74
CA LEU A 389 -19.47 -1.64 -1.43
C LEU A 389 -18.97 -3.00 -0.96
N VAL A 390 -19.81 -3.75 -0.25
CA VAL A 390 -19.42 -5.08 0.18
C VAL A 390 -19.17 -5.97 -1.02
N GLY A 391 -20.04 -5.90 -2.03
CA GLY A 391 -19.81 -6.68 -3.24
C GLY A 391 -18.64 -6.19 -4.06
N SER A 392 -18.39 -4.87 -4.05
CA SER A 392 -17.27 -4.31 -4.80
C SER A 392 -15.94 -4.84 -4.26
N TRP A 393 -15.75 -4.79 -2.95
CA TRP A 393 -14.52 -5.31 -2.35
C TRP A 393 -14.41 -6.82 -2.54
N ALA A 394 -15.52 -7.53 -2.49
CA ALA A 394 -15.48 -8.97 -2.75
C ALA A 394 -14.91 -9.26 -4.13
N LEU A 395 -15.24 -8.43 -5.11
CA LEU A 395 -14.76 -8.66 -6.47
C LEU A 395 -13.28 -8.33 -6.61
N VAL A 396 -12.86 -7.17 -6.10
CA VAL A 396 -11.48 -6.74 -6.33
C VAL A 396 -10.51 -7.62 -5.55
N ILE A 397 -10.88 -8.05 -4.34
CA ILE A 397 -10.00 -8.91 -3.56
C ILE A 397 -9.91 -10.28 -4.21
N LEU A 398 -11.01 -10.75 -4.81
CA LEU A 398 -10.94 -11.93 -5.66
C LEU A 398 -9.80 -11.80 -6.67
N GLY A 399 -9.75 -10.67 -7.37
CA GLY A 399 -8.66 -10.45 -8.31
C GLY A 399 -7.29 -10.36 -7.66
N GLU A 400 -7.24 -9.96 -6.39
CA GLU A 400 -5.95 -9.92 -5.69
C GLU A 400 -5.43 -11.33 -5.44
N MET A 401 -6.31 -12.30 -5.20
CA MET A 401 -5.87 -13.66 -4.96
C MET A 401 -5.16 -14.23 -6.19
N LEU A 402 -5.62 -13.88 -7.39
CA LEU A 402 -4.97 -14.39 -8.59
C LEU A 402 -3.67 -13.66 -8.87
N ILE A 403 -3.65 -12.34 -8.68
CA ILE A 403 -2.50 -11.55 -9.08
C ILE A 403 -1.38 -11.61 -8.04
N SER A 404 -1.73 -11.47 -6.77
CA SER A 404 -0.68 -11.22 -5.77
C SER A 404 0.19 -12.46 -5.51
N PRO A 405 -0.35 -13.57 -4.99
CA PRO A 405 0.55 -14.71 -4.69
C PRO A 405 1.32 -15.21 -5.90
N VAL A 406 0.69 -15.20 -7.07
CA VAL A 406 1.39 -15.60 -8.29
C VAL A 406 2.37 -14.52 -8.75
N GLY A 407 2.02 -13.25 -8.54
CA GLY A 407 2.73 -12.17 -9.21
C GLY A 407 4.20 -12.07 -8.86
N LEU A 408 4.55 -12.27 -7.58
CA LEU A 408 5.95 -12.21 -7.19
C LEU A 408 6.77 -13.30 -7.89
N SER A 409 6.16 -14.45 -8.15
CA SER A 409 6.86 -15.53 -8.83
C SER A 409 7.14 -15.20 -10.29
N VAL A 410 6.16 -14.63 -10.99
CA VAL A 410 6.29 -14.37 -12.42
C VAL A 410 7.37 -13.34 -12.73
N THR A 411 7.78 -12.55 -11.74
CA THR A 411 8.75 -11.49 -11.97
C THR A 411 10.17 -12.04 -12.09
N SER A 425 11.70 -5.14 -4.80
CA SER A 425 11.61 -5.80 -6.11
C SER A 425 11.11 -4.84 -7.18
N MET A 426 11.25 -5.23 -8.45
CA MET A 426 10.55 -4.52 -9.51
C MET A 426 9.04 -4.70 -9.42
N TRP A 427 8.59 -5.76 -8.74
CA TRP A 427 7.18 -5.97 -8.50
C TRP A 427 6.66 -5.19 -7.30
N PHE A 428 7.52 -4.92 -6.32
CA PHE A 428 7.21 -3.97 -5.26
C PHE A 428 6.80 -2.62 -5.84
N LEU A 429 7.36 -2.26 -7.01
CA LEU A 429 7.11 -0.97 -7.64
C LEU A 429 5.77 -0.88 -8.35
N SER A 430 5.17 -2.02 -8.74
CA SER A 430 3.86 -1.98 -9.36
C SER A 430 2.82 -1.30 -8.47
N SER A 431 2.97 -1.44 -7.15
CA SER A 431 2.02 -0.81 -6.24
C SER A 431 2.22 0.69 -6.17
N SER A 432 3.46 1.15 -6.29
CA SER A 432 3.71 2.59 -6.23
C SER A 432 3.21 3.29 -7.49
N VAL A 433 3.36 2.63 -8.65
CA VAL A 433 2.92 3.23 -9.91
C VAL A 433 1.40 3.27 -9.98
N GLY A 434 0.74 2.21 -9.53
CA GLY A 434 -0.71 2.22 -9.50
C GLY A 434 -1.28 3.34 -8.65
N SER A 435 -0.65 3.59 -7.50
CA SER A 435 -1.09 4.70 -6.65
C SER A 435 -0.69 6.04 -7.24
N ALA A 436 0.43 6.08 -7.98
CA ALA A 436 0.82 7.31 -8.67
C ALA A 436 -0.19 7.66 -9.75
N LEU A 437 -0.54 6.68 -10.59
CA LEU A 437 -1.64 6.86 -11.53
C LEU A 437 -2.90 7.28 -10.80
N ASN A 438 -3.15 6.72 -9.62
CA ASN A 438 -4.33 7.08 -8.86
C ASN A 438 -4.32 8.56 -8.49
N ALA A 439 -3.15 9.11 -8.17
CA ALA A 439 -3.06 10.51 -7.79
C ALA A 439 -3.60 11.44 -8.88
N GLN A 440 -3.63 10.97 -10.12
CA GLN A 440 -4.22 11.74 -11.22
C GLN A 440 -5.69 11.41 -11.43
N LEU A 441 -6.06 10.13 -11.34
CA LEU A 441 -7.40 9.71 -11.71
C LEU A 441 -8.44 10.09 -10.65
N VAL A 442 -8.12 9.93 -9.36
CA VAL A 442 -9.13 10.11 -8.32
C VAL A 442 -9.65 11.54 -8.27
N THR A 443 -8.90 12.50 -8.80
CA THR A 443 -9.40 13.86 -8.92
C THR A 443 -10.55 13.98 -9.92
N LEU A 444 -10.76 12.97 -10.77
CA LEU A 444 -11.90 12.95 -11.68
C LEU A 444 -13.18 12.44 -11.03
N TYR A 445 -13.12 11.98 -9.79
CA TYR A 445 -14.28 11.41 -9.13
C TYR A 445 -15.01 12.47 -8.32
N ASN A 446 -16.32 12.55 -8.54
CA ASN A 446 -17.23 13.31 -7.69
C ASN A 446 -18.65 12.80 -7.98
N ALA A 447 -19.65 13.46 -7.41
CA ALA A 447 -21.03 12.98 -7.56
C ALA A 447 -21.47 13.08 -9.02
N LYS A 448 -21.19 14.20 -9.68
CA LYS A 448 -21.59 14.35 -11.07
C LYS A 448 -20.88 13.36 -11.98
N SER A 449 -19.61 13.07 -11.68
CA SER A 449 -18.81 12.17 -12.51
C SER A 449 -18.86 10.72 -12.05
N GLU A 450 -19.71 10.40 -11.06
CA GLU A 450 -19.66 9.10 -10.41
C GLU A 450 -19.83 7.94 -11.39
N VAL A 451 -20.99 7.89 -12.06
CA VAL A 451 -21.32 6.73 -12.88
C VAL A 451 -20.35 6.61 -14.06
N ALA A 452 -19.89 7.73 -14.60
CA ALA A 452 -18.94 7.67 -15.71
C ALA A 452 -17.59 7.17 -15.24
N TYR A 453 -17.12 7.69 -14.11
CA TYR A 453 -15.82 7.27 -13.56
C TYR A 453 -15.77 5.76 -13.37
N PHE A 454 -16.72 5.21 -12.59
CA PHE A 454 -16.74 3.77 -12.35
C PHE A 454 -16.87 2.99 -13.66
N SER A 455 -17.84 3.36 -14.49
CA SER A 455 -18.14 2.57 -15.68
C SER A 455 -16.99 2.60 -16.67
N TYR A 456 -16.46 3.80 -16.96
CA TYR A 456 -15.40 3.95 -17.96
C TYR A 456 -14.12 3.24 -17.52
N PHE A 457 -13.60 3.59 -16.35
CA PHE A 457 -12.38 2.95 -15.87
C PHE A 457 -12.59 1.48 -15.54
N GLY A 458 -13.79 1.11 -15.10
CA GLY A 458 -14.07 -0.29 -14.86
C GLY A 458 -14.08 -1.11 -16.13
N LEU A 459 -14.70 -0.58 -17.19
CA LEU A 459 -14.67 -1.27 -18.47
C LEU A 459 -13.27 -1.32 -19.05
N GLY A 460 -12.53 -0.22 -18.95
CA GLY A 460 -11.18 -0.20 -19.49
C GLY A 460 -10.29 -1.29 -18.91
N SER A 461 -10.49 -1.60 -17.62
CA SER A 461 -9.69 -2.65 -16.99
C SER A 461 -10.06 -4.02 -17.52
N VAL A 462 -11.36 -4.29 -17.65
CA VAL A 462 -11.81 -5.60 -18.15
C VAL A 462 -11.33 -5.81 -19.58
N VAL A 463 -11.48 -4.78 -20.42
CA VAL A 463 -11.04 -4.88 -21.81
C VAL A 463 -9.54 -5.15 -21.89
N LEU A 464 -8.76 -4.38 -21.13
CA LEU A 464 -7.32 -4.63 -21.08
C LEU A 464 -7.01 -6.04 -20.58
N GLY A 465 -7.90 -6.61 -19.77
CA GLY A 465 -7.75 -8.00 -19.39
C GLY A 465 -8.02 -8.95 -20.53
N ILE A 466 -8.90 -8.57 -21.45
CA ILE A 466 -9.14 -9.38 -22.64
C ILE A 466 -7.89 -9.40 -23.52
N VAL A 467 -7.30 -8.22 -23.75
CA VAL A 467 -6.07 -8.14 -24.54
C VAL A 467 -4.98 -9.01 -23.95
N LEU A 468 -4.89 -9.06 -22.62
CA LEU A 468 -3.87 -9.89 -22.00
C LEU A 468 -4.16 -11.37 -22.21
N VAL A 469 -5.44 -11.76 -22.22
CA VAL A 469 -5.79 -13.15 -22.51
C VAL A 469 -5.33 -13.50 -23.93
N PHE A 470 -5.52 -12.57 -24.88
CA PHE A 470 -4.96 -12.75 -26.21
C PHE A 470 -3.45 -12.87 -26.16
N LEU A 471 -2.81 -11.99 -25.41
CA LEU A 471 -1.36 -11.99 -25.26
C LEU A 471 -0.85 -13.10 -24.34
N SER A 472 -1.74 -13.78 -23.62
CA SER A 472 -1.33 -14.90 -22.78
C SER A 472 -0.74 -16.04 -23.60
N LYS A 473 -1.00 -16.07 -24.91
CA LYS A 473 -0.41 -17.11 -25.75
C LYS A 473 1.10 -17.01 -25.77
N ARG A 474 1.63 -15.80 -25.93
CA ARG A 474 3.05 -15.61 -26.19
C ARG A 474 3.92 -15.98 -25.00
N ILE A 475 3.36 -15.99 -23.79
CA ILE A 475 4.11 -16.35 -22.60
C ILE A 475 3.34 -17.33 -21.73
O21 78M B . -1.37 25.00 -11.42
C20 78M B . -1.31 23.78 -12.11
C18 78M B . 0.14 23.28 -12.15
O19 78M B . 0.97 24.28 -12.67
C17 78M B . 0.24 22.05 -13.03
O2 78M B . 1.31 21.28 -12.57
C1 78M B . 2.32 21.09 -13.52
O1 78M B . 2.08 21.26 -14.66
C2 78M B . 3.73 20.69 -13.07
C3 78M B . 4.01 19.26 -13.54
C4 78M B . 5.38 18.80 -13.02
C5 78M B . 6.47 19.30 -13.94
C6 78M B . 7.67 18.34 -13.91
C7 78M B . 7.87 17.76 -15.30
C8 78M B . 8.92 17.03 -15.58
C9 78M B . 9.96 16.71 -14.51
C10 78M B . 11.21 16.15 -15.18
O21 78M C . -31.53 8.66 -18.94
C20 78M C . -32.16 7.45 -19.26
C18 78M C . -32.29 6.59 -18.01
O19 78M C . -31.34 6.99 -17.06
C17 78M C . -32.06 5.12 -18.37
O2 78M C . -30.73 4.77 -18.09
C1 78M C . -30.55 3.40 -17.87
O1 78M C . -31.27 2.63 -18.41
C2 78M C . -29.46 2.87 -16.95
C3 78M C . -29.97 1.56 -16.37
C4 78M C . -28.87 0.94 -15.52
C5 78M C . -29.35 -0.37 -14.91
C6 78M C . -28.15 -1.31 -14.77
C7 78M C . -27.50 -1.49 -16.14
C8 78M C . -26.75 -2.54 -16.39
C9 78M C . -26.52 -3.62 -15.33
C10 78M C . -25.66 -4.72 -15.92
C11 78M C . -26.31 -6.08 -15.66
C12 78M C . -25.47 -6.87 -14.64
C13 78M C . -26.13 -8.22 -14.41
C15 78M C . -23.92 -9.33 -14.65
C14 78M C . -25.13 -9.16 -13.74
O21 78M D . -28.65 6.94 -15.92
C20 78M D . -28.18 6.13 -16.96
C18 78M D . -26.69 5.92 -16.80
O19 78M D . -26.07 7.15 -16.59
C17 78M D . -26.15 5.29 -18.08
O2 78M D . -24.90 4.74 -17.81
C1 78M D . -24.94 3.37 -17.54
O1 78M D . -25.60 2.65 -18.20
C2 78M D . -24.13 2.81 -16.37
C3 78M D . -23.40 1.56 -16.83
C4 78M D . -23.59 0.43 -15.83
C5 78M D . -22.58 -0.67 -16.16
C6 78M D . -22.89 -1.95 -15.39
C7 78M D . -22.48 -3.13 -16.29
C8 78M D . -22.05 -4.27 -15.80
C9 78M D . -21.93 -4.50 -14.29
C10 78M D . -21.43 -5.93 -14.09
C11 78M D . -21.16 -6.21 -12.61
C12 78M D . -21.61 -7.64 -12.32
C13 78M D . -20.48 -8.42 -11.64
C15 78M D . -20.02 -10.86 -11.81
C14 78M D . -20.99 -9.81 -11.27
O21 78M E . 30.31 -0.24 5.92
C20 78M E . 31.67 -0.17 6.24
C18 78M E . 32.33 0.85 5.31
O19 78M E . 33.73 0.78 5.42
C17 78M E . 31.84 2.23 5.73
O2 78M E . 30.70 2.60 4.99
C1 78M E . 29.68 3.19 5.75
O1 78M E . 29.32 2.70 6.76
C2 78M E . 29.03 4.49 5.25
C3 78M E . 27.50 4.37 5.28
C4 78M E . 26.89 5.64 4.69
C5 78M E . 26.93 5.60 3.16
C6 78M E . 26.75 7.03 2.65
C7 78M E . 25.86 7.08 1.40
C8 78M E . 24.54 7.13 1.49
C9 78M E . 23.83 7.13 2.85
C10 78M E . 22.76 8.22 2.91
C11 78M E . 22.78 8.85 4.30
C12 78M E . 21.55 9.73 4.49
C13 78M E . 21.95 11.07 5.09
C15 78M E . 20.99 10.43 7.29
C14 78M E . 22.26 10.88 6.57
O21 78M F . -12.03 16.47 22.53
C20 78M F . -10.91 16.79 21.75
C18 78M F . -9.64 16.77 22.59
O19 78M F . -9.56 17.92 23.39
C17 78M F . -8.42 16.71 21.68
O2 78M F . -7.79 15.48 21.88
C1 78M F . -6.43 15.56 22.22
O1 78M F . -5.77 16.44 21.77
C2 78M F . -5.82 14.55 23.17
C3 78M F . -5.67 13.19 22.46
C4 78M F . -4.19 12.92 22.20
C5 78M F . -3.46 12.79 23.54
C6 78M F . -2.20 11.94 23.37
C7 78M F . -2.38 10.62 24.10
C8 78M F . -1.56 9.60 23.89
C9 78M F . -0.42 9.70 22.89
C10 78M F . 0.70 8.76 23.35
C11 78M F . 1.23 7.95 22.17
C12 78M F . 1.87 6.67 22.72
C13 78M F . 3.22 6.43 22.04
O21 78M G . -34.68 4.11 -2.47
C20 78M G . -33.50 3.57 -3.02
C18 78M G . -32.92 2.53 -2.05
O19 78M G . -32.50 3.19 -0.88
C17 78M G . -31.74 1.80 -2.69
O2 78M G . -31.33 0.75 -1.86
C1 78M G . -30.47 -0.17 -2.49
O1 78M G . -29.37 0.14 -2.75
C2 78M G . -30.99 -1.57 -2.85
C3 78M G . -30.83 -2.49 -1.63
C4 78M G . -30.88 -3.95 -2.10
C5 78M G . -29.85 -4.78 -1.33
C6 78M G . -28.86 -5.40 -2.31
C7 78M G . -28.24 -4.31 -3.16
C8 78M G . -27.13 -4.53 -3.85
C9 78M G . -26.42 -5.88 -3.82
C10 78M G . -25.57 -6.04 -5.08
C11 78M G . -24.18 -6.54 -4.70
C12 78M G . -24.04 -8.03 -5.05
C13 78M G . -22.72 -8.23 -5.80
C15 78M G . -20.75 -9.73 -6.08
C14 78M G . -22.13 -9.60 -5.44
O21 78M H . -4.91 16.34 -11.80
C20 78M H . -4.43 15.86 -13.03
C18 78M H . -5.60 15.54 -13.97
O19 78M H . -6.80 15.82 -13.33
C17 78M H . -5.57 14.07 -14.37
O2 78M H . -6.79 13.73 -14.99
C1 78M H . -6.69 12.75 -15.99
O1 78M H . -5.81 11.97 -15.97
C2 78M H . -7.73 12.71 -17.11
C3 78M H . -7.34 11.67 -18.15
C4 78M H . -8.15 10.39 -17.95
C5 78M H . -7.94 9.47 -19.15
C6 78M H . -7.58 8.06 -18.66
C7 78M H . -6.05 7.94 -18.57
C8 78M H . -5.46 6.78 -18.37
C9 78M H . -6.24 5.49 -18.19
C10 78M H . -5.29 4.30 -18.38
C11 78M H . -3.96 4.61 -17.69
C12 78M H . -2.79 3.79 -18.25
C13 78M H . -3.28 2.59 -19.08
C15 78M H . -2.37 1.38 -21.06
C14 78M H . -2.07 1.85 -19.64
O21 78M I . -3.64 -18.16 -26.03
C20 78M I . -4.73 -18.07 -26.91
C18 78M I . -5.87 -17.32 -26.22
O19 78M I . -6.11 -17.90 -24.96
C17 78M I . -7.13 -17.44 -27.07
O2 78M I . -8.16 -16.75 -26.43
C1 78M I . -9.12 -16.24 -27.32
O1 78M I . -9.06 -16.52 -28.47
C2 78M I . -10.21 -15.32 -26.82
C3 78M I . -11.13 -14.98 -27.99
C4 78M I . -12.29 -14.13 -27.48
C5 78M I . -12.84 -14.82 -26.23
C6 78M I . -14.33 -14.51 -26.14
C7 78M I . -14.46 -13.01 -25.87
C8 78M I . -15.46 -12.59 -25.14
C9 78M I . -16.47 -13.60 -24.59
C10 78M I . -17.84 -13.25 -25.12
C11 78M I . -18.12 -11.79 -24.74
C12 78M I . -18.91 -11.11 -25.84
C13 78M I . -20.11 -10.41 -25.22
C15 78M I . -19.24 -8.33 -26.28
C14 78M I . -20.49 -9.17 -26.04
O21 78M J . -30.79 -0.10 1.25
C20 78M J . -30.44 -0.74 2.44
C18 78M J . -30.46 0.29 3.57
O19 78M J . -30.24 1.55 3.01
C17 78M J . -29.37 -0.01 4.60
O2 78M J . -29.32 -1.41 4.77
C1 78M J . -28.94 -1.80 6.07
O1 78M J . -29.66 -1.60 6.99
C2 78M J . -27.62 -2.53 6.29
C3 78M J . -27.62 -3.92 5.63
C4 78M J . -26.36 -4.66 6.05
C5 78M J . -25.16 -3.72 5.94
C6 78M J . -23.88 -4.31 6.54
C7 78M J . -22.74 -4.00 5.56
C8 78M J . -21.57 -3.49 5.94
C9 78M J . -21.26 -3.16 7.40
C10 78M J . -19.90 -2.45 7.47
C11 78M J . -18.77 -3.40 7.09
C12 78M J . -18.01 -3.82 8.35
C13 78M J . -16.95 -4.86 8.00
C15 78M J . -16.97 -6.89 9.47
C14 78M J . -16.40 -5.48 9.29
O21 78M K . -32.63 -4.36 -5.51
C20 78M K . -31.46 -5.03 -5.90
C18 78M K . -30.59 -4.07 -6.70
O19 78M K . -31.10 -2.78 -6.53
C17 78M K . -30.64 -4.47 -8.17
O2 78M K . -29.34 -4.52 -8.70
C1 78M K . -28.69 -5.75 -8.58
O1 78M K . -29.08 -6.59 -7.84
C2 78M K . -27.45 -6.04 -9.43
C3 78M K . -26.47 -6.88 -8.61
C4 78M K . -25.09 -6.78 -9.24
C5 78M K . -24.91 -7.93 -10.23
C6 78M K . -24.60 -9.21 -9.44
C7 78M K . -24.64 -10.42 -10.39
C8 78M K . -24.05 -11.55 -10.05
C9 78M K . -23.33 -11.69 -8.71
O21 78M L . 17.06 -7.03 19.61
C20 78M L . 16.56 -5.73 19.57
C18 78M L . 15.67 -5.55 18.34
O19 78M L . 15.45 -6.78 17.69
C17 78M L . 16.36 -4.57 17.39
O2 78M L . 16.56 -3.35 18.06
C1 78M L . 17.54 -2.56 17.45
O1 78M L . 18.17 -3.00 16.56
C2 78M L . 17.80 -1.13 17.94
C3 78M L . 17.33 -0.97 19.37
C4 78M L . 17.81 0.38 19.91
C5 78M L . 17.14 0.65 21.25
C6 78M L . 17.42 2.10 21.66
C7 78M L . 16.78 2.38 23.02
C8 78M L . 15.80 3.26 23.14
C9 78M L . 15.27 4.01 21.92
O21 78M M . -34.37 -8.14 -2.36
C20 78M M . -33.41 -9.03 -2.85
C18 78M M . -32.37 -8.25 -3.63
O19 78M M . -33.01 -7.19 -4.28
C17 78M M . -31.68 -9.15 -4.66
O2 78M M . -30.51 -8.52 -5.13
C1 78M M . -29.67 -9.33 -5.90
O1 78M M . -29.98 -9.64 -7.00
C2 78M M . -28.35 -9.83 -5.31
C3 78M M . -27.63 -10.72 -6.32
C4 78M M . -27.11 -11.99 -5.64
C5 78M M . -25.73 -11.75 -5.07
O21 78M N . 2.17 25.08 -1.83
C20 78M N . 3.00 24.43 -0.90
C18 78M N . 2.68 22.93 -0.91
O19 78M N . 1.95 22.59 0.22
C17 78M N . 3.99 22.15 -0.91
O2 78M N . 3.71 20.80 -0.65
C1 78M N . 4.85 19.98 -0.68
O1 78M N . 5.92 20.47 -0.54
C2 78M N . 4.71 18.48 -0.90
C3 78M N . 5.66 18.00 -2.01
C4 78M N . 7.02 17.63 -1.44
C5 78M N . 7.94 17.18 -2.57
C6 78M N . 9.40 17.33 -2.13
C7 78M N . 9.57 16.70 -0.75
O21 78M O . 15.49 -0.92 26.39
C20 78M O . 14.10 -0.94 26.23
C18 78M O . 13.72 -0.57 24.80
O19 78M O . 14.33 0.64 24.44
C17 78M O . 12.21 -0.45 24.68
O2 78M O . 11.85 0.20 23.49
C1 78M O . 10.53 -0.03 23.10
O1 78M O . 10.14 -1.14 23.00
C2 78M O . 9.59 1.13 22.83
C3 78M O . 10.28 2.13 21.89
C4 78M O . 10.47 3.47 22.61
C5 78M O . 9.27 4.36 22.38
O21 78M P . 17.98 -2.26 -5.02
C20 78M P . 18.75 -1.11 -5.26
C18 78M P . 18.71 -0.21 -4.03
O19 78M P . 17.41 -0.21 -3.51
C17 78M P . 19.11 1.22 -4.41
O2 78M P . 18.71 2.11 -3.40
C1 78M P . 19.63 3.14 -3.13
O1 78M P . 20.72 3.10 -3.62
C2 78M P . 19.25 4.31 -2.23
C3 78M P . 20.37 4.63 -1.25
C4 78M P . 19.80 4.88 0.15
C5 78M P . 19.27 6.31 0.29
C6 78M P . 17.77 6.30 0.58
C7 78M P . 17.47 6.90 1.96
C8 78M P . 16.44 6.50 2.67
C9 78M P . 15.51 5.40 2.13
C10 78M P . 14.18 5.39 2.87
C11 78M P . 13.35 6.64 2.54
C12 78M P . 13.40 6.92 1.04
C13 78M P . 12.12 7.61 0.57
C15 78M P . 10.65 7.77 -1.44
C14 78M P . 12.10 7.65 -0.96
O21 78M Q . -0.73 21.26 3.20
C20 78M Q . 0.22 20.23 3.33
C18 78M Q . -0.12 19.11 2.36
O19 78M Q . -1.47 18.76 2.53
C17 78M Q . 0.76 17.90 2.63
O2 78M Q . 0.32 16.82 1.85
C1 78M Q . 1.15 16.53 0.76
O1 78M Q . 1.81 17.39 0.28
C2 78M Q . 1.23 15.12 0.19
C3 78M Q . 2.65 14.84 -0.27
C4 78M Q . 2.80 13.36 -0.59
C5 78M Q . 4.10 12.83 -0.02
C6 78M Q . 5.26 13.66 -0.54
C7 78M Q . 6.30 13.88 0.56
C8 78M Q . 7.54 13.49 0.39
C9 78M Q . 8.01 12.81 -0.91
C10 78M Q . 9.35 12.15 -0.62
C11 78M Q . 9.73 11.21 -1.78
C12 78M Q . 10.06 12.05 -3.02
C13 78M Q . 10.88 11.22 -4.00
C15 78M Q . 13.06 11.83 -5.06
C14 78M Q . 12.36 11.48 -3.74
O1 PE5 R . -15.64 13.78 14.34
C1 PE5 R . -16.10 14.93 13.68
C2 PE5 R . -16.53 14.58 12.26
O2 PE5 R . -17.24 13.37 12.27
C3 PE5 R . -17.50 12.84 11.00
C4 PE5 R . -17.25 11.33 11.04
O3 PE5 R . -16.77 10.88 9.80
C5 PE5 R . -17.81 10.54 8.91
C6 PE5 R . -17.32 10.73 7.46
O4 PE5 R . -17.67 12.01 7.00
P PO4 S . -2.87 24.49 11.85
O1 PO4 S . -3.88 25.55 11.46
O2 PO4 S . -2.80 23.45 10.76
O3 PO4 S . -3.30 23.85 13.15
O4 PO4 S . -1.52 25.13 12.01
#